data_1NIO
#
_entry.id   1NIO
#
_cell.length_a   89.902
_cell.length_b   59.823
_cell.length_c   55.184
_cell.angle_alpha   90.00
_cell.angle_beta   120.81
_cell.angle_gamma   90.00
#
_symmetry.space_group_name_H-M   'C 1 2 1'
#
loop_
_entity.id
_entity.type
_entity.pdbx_description
1 polymer b-luffin
2 non-polymer 2-acetamido-2-deoxy-beta-D-glucopyranose
3 water water
#
_entity_poly.entity_id   1
_entity_poly.type   'polypeptide(L)'
_entity_poly.pdbx_seq_one_letter_code
;ANVSFSLSGADSKSYSKFITALRKALPSKEKVSNIPLLLPSASGASRYILMQLSNYDAKAITMAIDVTNVYIMGYLVNST
SYFFNESDAKLASQYVFKGSTIVTLPYSGNYERLQNAAGKVREKIPLGFRAFDSAITSLFHYDSTAAAGAFLVIIQTTAE
ASRFKYIEGQIIKRIPKNEVPSPAALSLENEWSALSKQIQLAQTNNGAFRTPVVIIDNKGQRVEIKDVNSKVVTNNIKLL
LNKQNIA
;
_entity_poly.pdbx_strand_id   A
#
# COMPACT_ATOMS: atom_id res chain seq x y z
N ALA A 1 3.42 -1.76 -17.81
CA ALA A 1 3.41 -1.72 -16.32
C ALA A 1 4.34 -2.82 -15.80
N ASN A 2 4.92 -2.61 -14.62
CA ASN A 2 5.82 -3.61 -14.05
C ASN A 2 5.00 -4.76 -13.48
N VAL A 3 3.82 -4.45 -12.98
CA VAL A 3 2.96 -5.49 -12.42
C VAL A 3 1.52 -5.15 -12.83
N SER A 4 0.67 -6.15 -12.94
CA SER A 4 -0.71 -5.87 -13.31
C SER A 4 -1.63 -6.93 -12.72
N PHE A 5 -2.88 -6.58 -12.54
CA PHE A 5 -3.83 -7.50 -11.97
C PHE A 5 -5.19 -7.23 -12.58
N SER A 6 -5.92 -8.30 -12.91
CA SER A 6 -7.25 -8.15 -13.52
C SER A 6 -8.24 -8.88 -12.65
N LEU A 7 -9.35 -8.23 -12.32
CA LEU A 7 -10.37 -8.85 -11.48
C LEU A 7 -11.16 -9.93 -12.24
N SER A 8 -11.25 -9.80 -13.56
CA SER A 8 -12.01 -10.79 -14.32
C SER A 8 -11.45 -12.20 -14.16
N GLY A 9 -12.25 -13.10 -13.62
CA GLY A 9 -11.78 -14.47 -13.44
C GLY A 9 -10.77 -14.67 -12.31
N ALA A 10 -10.48 -13.63 -11.54
CA ALA A 10 -9.50 -13.74 -10.45
C ALA A 10 -10.03 -14.55 -9.28
N ASP A 11 -9.12 -15.23 -8.59
CA ASP A 11 -9.47 -15.98 -7.39
C ASP A 11 -8.40 -15.64 -6.35
N SER A 12 -8.37 -16.36 -5.24
CA SER A 12 -7.40 -16.05 -4.20
C SER A 12 -5.97 -16.28 -4.62
N LYS A 13 -5.76 -17.24 -5.51
CA LYS A 13 -4.40 -17.54 -5.96
C LYS A 13 -3.89 -16.47 -6.93
N SER A 14 -4.74 -16.01 -7.84
CA SER A 14 -4.28 -14.99 -8.77
C SER A 14 -4.01 -13.69 -8.00
N TYR A 15 -4.76 -13.45 -6.92
CA TYR A 15 -4.54 -12.24 -6.14
C TYR A 15 -3.19 -12.35 -5.40
N SER A 16 -2.96 -13.51 -4.77
CA SER A 16 -1.71 -13.73 -4.06
C SER A 16 -0.48 -13.69 -4.96
N LYS A 17 -0.63 -14.17 -6.20
CA LYS A 17 0.49 -14.13 -7.13
C LYS A 17 0.79 -12.69 -7.49
N PHE A 18 -0.26 -11.87 -7.62
CA PHE A 18 -0.11 -10.44 -7.91
C PHE A 18 0.62 -9.74 -6.76
N ILE A 19 0.20 -10.00 -5.52
CA ILE A 19 0.85 -9.36 -4.37
C ILE A 19 2.30 -9.80 -4.27
N THR A 20 2.56 -11.07 -4.55
CA THR A 20 3.93 -11.56 -4.54
C THR A 20 4.74 -10.86 -5.63
N ALA A 21 4.14 -10.66 -6.81
CA ALA A 21 4.84 -9.96 -7.90
C ALA A 21 5.13 -8.49 -7.53
N LEU A 22 4.19 -7.84 -6.84
CA LEU A 22 4.38 -6.45 -6.42
C LEU A 22 5.58 -6.38 -5.46
N ARG A 23 5.61 -7.27 -4.48
CA ARG A 23 6.72 -7.34 -3.53
C ARG A 23 8.05 -7.55 -4.26
N LYS A 24 8.08 -8.39 -5.29
CA LYS A 24 9.33 -8.63 -6.01
C LYS A 24 9.71 -7.53 -7.00
N ALA A 25 8.72 -6.73 -7.41
CA ALA A 25 8.98 -5.64 -8.34
C ALA A 25 9.69 -4.46 -7.65
N LEU A 26 9.64 -4.42 -6.32
CA LEU A 26 10.27 -3.33 -5.58
C LEU A 26 11.75 -3.61 -5.41
N PRO A 27 12.62 -2.66 -5.81
CA PRO A 27 14.04 -2.96 -5.63
C PRO A 27 14.45 -3.07 -4.17
N SER A 28 15.48 -3.87 -3.91
CA SER A 28 15.98 -4.07 -2.56
C SER A 28 17.40 -4.61 -2.67
N LYS A 29 18.34 -4.04 -1.92
CA LYS A 29 19.73 -4.48 -1.98
C LYS A 29 20.09 -5.44 -0.85
N GLU A 30 19.17 -5.64 0.09
CA GLU A 30 19.47 -6.52 1.21
C GLU A 30 18.27 -6.84 2.07
N LYS A 31 18.41 -7.86 2.90
CA LYS A 31 17.34 -8.27 3.80
C LYS A 31 17.79 -8.07 5.24
N VAL A 32 16.84 -7.78 6.11
CA VAL A 32 17.12 -7.61 7.52
C VAL A 32 16.17 -8.54 8.25
N SER A 33 16.72 -9.47 9.02
CA SER A 33 15.92 -10.46 9.72
C SER A 33 15.07 -11.18 8.69
N ASN A 34 15.66 -11.40 7.52
CA ASN A 34 15.00 -12.10 6.42
C ASN A 34 13.91 -11.32 5.69
N ILE A 35 13.81 -10.03 5.95
CA ILE A 35 12.79 -9.22 5.29
C ILE A 35 13.47 -8.19 4.38
N PRO A 36 13.07 -8.13 3.10
CA PRO A 36 13.65 -7.19 2.15
C PRO A 36 13.60 -5.75 2.67
N LEU A 37 14.74 -5.08 2.62
CA LEU A 37 14.82 -3.70 3.06
C LEU A 37 14.67 -2.81 1.81
N LEU A 38 13.73 -1.86 1.84
CA LEU A 38 13.54 -0.98 0.67
C LEU A 38 14.74 -0.02 0.54
N LEU A 39 14.93 0.52 -0.65
CA LEU A 39 16.04 1.44 -0.89
C LEU A 39 15.95 2.73 -0.10
N PRO A 40 17.10 3.25 0.34
CA PRO A 40 17.10 4.49 1.10
C PRO A 40 16.73 5.66 0.17
N SER A 41 17.01 5.49 -1.12
CA SER A 41 16.68 6.53 -2.09
C SER A 41 16.85 5.99 -3.50
N ALA A 42 16.30 6.70 -4.48
CA ALA A 42 16.40 6.35 -5.89
C ALA A 42 16.20 7.62 -6.67
N SER A 43 16.77 7.71 -7.86
CA SER A 43 16.63 8.93 -8.64
C SER A 43 15.96 8.73 -9.99
N GLY A 44 15.41 9.82 -10.51
CA GLY A 44 14.76 9.77 -11.79
C GLY A 44 13.61 8.79 -11.85
N ALA A 45 13.37 8.22 -13.03
CA ALA A 45 12.29 7.28 -13.26
C ALA A 45 12.43 5.97 -12.50
N SER A 46 13.66 5.57 -12.22
CA SER A 46 13.90 4.31 -11.52
C SER A 46 13.32 4.30 -10.11
N ARG A 47 12.85 5.44 -9.65
CA ARG A 47 12.26 5.53 -8.31
C ARG A 47 10.79 5.10 -8.30
N TYR A 48 10.25 4.79 -9.48
CA TYR A 48 8.84 4.42 -9.56
C TYR A 48 8.60 3.18 -10.38
N ILE A 49 7.61 2.39 -9.96
CA ILE A 49 7.18 1.20 -10.71
C ILE A 49 5.72 1.49 -11.05
N LEU A 50 5.23 0.89 -12.13
CA LEU A 50 3.86 1.11 -12.56
C LEU A 50 3.02 -0.14 -12.32
N MET A 51 1.80 0.06 -11.82
CA MET A 51 0.89 -1.05 -11.49
C MET A 51 -0.42 -0.86 -12.24
N GLN A 52 -0.74 -1.82 -13.09
CA GLN A 52 -1.97 -1.75 -13.87
C GLN A 52 -3.07 -2.58 -13.24
N LEU A 53 -4.24 -1.97 -13.08
CA LEU A 53 -5.39 -2.64 -12.46
C LEU A 53 -6.61 -2.56 -13.38
N SER A 54 -7.28 -3.69 -13.60
CA SER A 54 -8.49 -3.73 -14.45
C SER A 54 -9.65 -4.30 -13.66
N ASN A 55 -10.82 -3.71 -13.81
CA ASN A 55 -11.99 -4.17 -13.09
C ASN A 55 -12.70 -5.31 -13.85
N TYR A 56 -13.88 -5.70 -13.37
CA TYR A 56 -14.62 -6.79 -14.01
C TYR A 56 -14.99 -6.54 -15.47
N ASP A 57 -15.22 -5.28 -15.85
CA ASP A 57 -15.57 -4.93 -17.21
C ASP A 57 -14.34 -4.66 -18.07
N ALA A 58 -13.18 -4.96 -17.53
CA ALA A 58 -11.91 -4.77 -18.22
C ALA A 58 -11.48 -3.31 -18.42
N LYS A 59 -11.98 -2.40 -17.59
CA LYS A 59 -11.57 -1.00 -17.67
C LYS A 59 -10.31 -0.92 -16.83
N ALA A 60 -9.28 -0.26 -17.34
CA ALA A 60 -8.02 -0.20 -16.62
C ALA A 60 -7.44 1.16 -16.35
N ILE A 61 -6.67 1.24 -15.26
CA ILE A 61 -5.97 2.45 -14.87
C ILE A 61 -4.56 1.99 -14.52
N THR A 62 -3.59 2.89 -14.62
CA THR A 62 -2.21 2.56 -14.29
C THR A 62 -1.77 3.49 -13.16
N MET A 63 -1.30 2.92 -12.05
CA MET A 63 -0.86 3.71 -10.91
C MET A 63 0.66 3.71 -10.78
N ALA A 64 1.22 4.82 -10.34
CA ALA A 64 2.67 4.91 -10.17
C ALA A 64 2.95 4.80 -8.69
N ILE A 65 3.92 3.96 -8.35
CA ILE A 65 4.31 3.72 -6.97
C ILE A 65 5.77 4.12 -6.73
N ASP A 66 6.00 4.84 -5.63
CA ASP A 66 7.33 5.28 -5.22
C ASP A 66 7.94 4.05 -4.55
N VAL A 67 9.02 3.51 -5.11
CA VAL A 67 9.66 2.32 -4.57
C VAL A 67 10.32 2.46 -3.19
N THR A 68 10.59 3.68 -2.73
CA THR A 68 11.22 3.85 -1.41
C THR A 68 10.23 3.66 -0.27
N ASN A 69 8.93 3.78 -0.54
CA ASN A 69 7.97 3.65 0.56
C ASN A 69 6.68 2.96 0.19
N VAL A 70 6.56 2.52 -1.05
CA VAL A 70 5.36 1.86 -1.55
C VAL A 70 4.14 2.79 -1.49
N TYR A 71 4.37 4.11 -1.56
CA TYR A 71 3.27 5.08 -1.57
C TYR A 71 2.84 5.30 -3.02
N ILE A 72 1.54 5.39 -3.23
CA ILE A 72 0.96 5.64 -4.55
C ILE A 72 1.03 7.15 -4.78
N MET A 73 1.59 7.54 -5.92
CA MET A 73 1.79 8.93 -6.30
C MET A 73 0.62 9.53 -7.08
N GLY A 74 0.03 8.71 -7.94
CA GLY A 74 -1.06 9.16 -8.78
C GLY A 74 -1.37 8.07 -9.76
N TYR A 75 -2.15 8.38 -10.79
CA TYR A 75 -2.51 7.37 -11.76
C TYR A 75 -2.83 7.97 -13.10
N LEU A 76 -2.86 7.11 -14.11
CA LEU A 76 -3.15 7.52 -15.47
C LEU A 76 -4.34 6.75 -16.04
N VAL A 77 -5.24 7.47 -16.70
CA VAL A 77 -6.37 6.85 -17.39
C VAL A 77 -6.47 7.65 -18.68
N ASN A 78 -6.71 6.96 -19.79
CA ASN A 78 -6.79 7.60 -21.11
C ASN A 78 -5.51 8.38 -21.29
N SER A 79 -5.58 9.70 -21.48
CA SER A 79 -4.34 10.45 -21.63
C SER A 79 -4.22 11.55 -20.57
N THR A 80 -4.89 11.34 -19.43
CA THR A 80 -4.85 12.29 -18.34
C THR A 80 -4.33 11.61 -17.08
N SER A 81 -3.39 12.24 -16.40
CA SER A 81 -2.84 11.69 -15.16
C SER A 81 -3.29 12.56 -13.99
N TYR A 82 -3.50 11.92 -12.83
CA TYR A 82 -3.93 12.59 -11.61
C TYR A 82 -2.93 12.30 -10.49
N PHE A 83 -2.37 13.35 -9.91
CA PHE A 83 -1.39 13.18 -8.85
C PHE A 83 -1.82 13.82 -7.54
N PHE A 84 -1.42 13.21 -6.42
CA PHE A 84 -1.73 13.79 -5.12
C PHE A 84 -1.05 15.16 -5.01
N ASN A 85 -1.65 16.04 -4.22
CA ASN A 85 -1.13 17.38 -4.01
C ASN A 85 -0.10 17.32 -2.88
N GLU A 86 1.10 16.87 -3.20
CA GLU A 86 2.18 16.77 -2.23
C GLU A 86 3.50 16.73 -3.01
N SER A 87 4.58 17.18 -2.37
CA SER A 87 5.88 17.27 -3.04
C SER A 87 6.43 16.01 -3.71
N ASP A 88 6.24 14.84 -3.11
CA ASP A 88 6.74 13.63 -3.74
C ASP A 88 5.99 13.29 -5.02
N ALA A 89 4.70 13.60 -5.06
CA ALA A 89 3.89 13.30 -6.25
C ALA A 89 4.21 14.34 -7.33
N LYS A 90 4.48 15.56 -6.90
CA LYS A 90 4.82 16.62 -7.83
C LYS A 90 6.11 16.22 -8.56
N LEU A 91 7.07 15.69 -7.81
CA LEU A 91 8.33 15.25 -8.40
C LEU A 91 8.09 14.05 -9.31
N ALA A 92 7.26 13.11 -8.87
CA ALA A 92 6.98 11.92 -9.69
C ALA A 92 6.37 12.33 -11.04
N SER A 93 5.57 13.38 -11.05
CA SER A 93 4.93 13.83 -12.28
C SER A 93 5.94 14.28 -13.33
N GLN A 94 7.19 14.49 -12.95
CA GLN A 94 8.23 14.90 -13.89
C GLN A 94 8.85 13.69 -14.58
N TYR A 95 8.58 12.49 -14.06
CA TYR A 95 9.19 11.29 -14.61
C TYR A 95 8.28 10.20 -15.18
N VAL A 96 7.01 10.16 -14.78
CA VAL A 96 6.10 9.12 -15.28
C VAL A 96 4.90 9.70 -16.00
N PHE A 97 4.29 8.89 -16.87
CA PHE A 97 3.11 9.31 -17.64
C PHE A 97 3.47 10.56 -18.47
N LYS A 98 4.70 10.61 -18.96
CA LYS A 98 5.15 11.74 -19.77
C LYS A 98 4.23 11.89 -20.97
N GLY A 99 3.85 13.13 -21.27
CA GLY A 99 2.96 13.34 -22.40
C GLY A 99 1.49 13.39 -22.03
N SER A 100 1.14 13.02 -20.82
CA SER A 100 -0.27 13.08 -20.42
C SER A 100 -0.57 14.46 -19.86
N THR A 101 -1.85 14.81 -19.82
CA THR A 101 -2.29 16.07 -19.24
C THR A 101 -2.27 15.81 -17.74
N ILE A 102 -1.48 16.59 -17.01
CA ILE A 102 -1.36 16.42 -15.56
C ILE A 102 -2.38 17.20 -14.77
N VAL A 103 -3.17 16.49 -13.96
CA VAL A 103 -4.17 17.12 -13.11
C VAL A 103 -3.73 16.95 -11.66
N THR A 104 -3.71 18.02 -10.88
CA THR A 104 -3.34 17.89 -9.47
C THR A 104 -4.60 17.67 -8.66
N LEU A 105 -4.61 16.64 -7.83
CA LEU A 105 -5.78 16.32 -7.00
C LEU A 105 -5.95 17.33 -5.85
N PRO A 106 -7.16 17.50 -5.33
CA PRO A 106 -7.36 18.46 -4.25
C PRO A 106 -6.91 18.03 -2.86
N TYR A 107 -6.17 16.93 -2.74
CA TYR A 107 -5.71 16.46 -1.43
C TYR A 107 -4.42 15.68 -1.58
N SER A 108 -3.72 15.50 -0.46
CA SER A 108 -2.48 14.73 -0.49
C SER A 108 -2.87 13.26 -0.31
N GLY A 109 -1.89 12.37 -0.32
CA GLY A 109 -2.20 10.96 -0.21
C GLY A 109 -2.13 10.30 1.15
N ASN A 110 -1.94 11.05 2.23
CA ASN A 110 -1.87 10.36 3.51
C ASN A 110 -3.27 10.07 4.02
N TYR A 111 -3.38 9.06 4.90
CA TYR A 111 -4.67 8.63 5.41
C TYR A 111 -5.56 9.67 6.08
N GLU A 112 -5.00 10.54 6.90
CA GLU A 112 -5.80 11.55 7.58
C GLU A 112 -6.51 12.46 6.56
N ARG A 113 -5.75 12.91 5.57
CA ARG A 113 -6.29 13.79 4.52
C ARG A 113 -7.38 13.06 3.70
N LEU A 114 -7.06 11.85 3.24
CA LEU A 114 -8.03 11.07 2.46
C LEU A 114 -9.32 10.79 3.23
N GLN A 115 -9.21 10.46 4.52
CA GLN A 115 -10.40 10.17 5.32
C GLN A 115 -11.27 11.41 5.41
N ASN A 116 -10.64 12.57 5.61
CA ASN A 116 -11.39 13.82 5.69
C ASN A 116 -12.07 14.12 4.36
N ALA A 117 -11.34 13.90 3.27
CA ALA A 117 -11.88 14.16 1.95
C ALA A 117 -13.06 13.24 1.65
N ALA A 118 -12.89 11.96 1.96
CA ALA A 118 -13.94 10.97 1.71
C ALA A 118 -15.09 11.08 2.71
N GLY A 119 -14.83 11.76 3.83
CA GLY A 119 -15.84 11.90 4.85
C GLY A 119 -16.10 10.60 5.60
N LYS A 120 -15.11 9.70 5.64
CA LYS A 120 -15.29 8.43 6.34
C LYS A 120 -13.95 7.86 6.79
N VAL A 121 -13.91 7.30 7.99
CA VAL A 121 -12.67 6.71 8.52
C VAL A 121 -12.49 5.29 7.98
N ARG A 122 -11.24 4.86 7.91
CA ARG A 122 -10.91 3.52 7.42
C ARG A 122 -11.72 2.41 8.08
N GLU A 123 -12.06 2.60 9.36
CA GLU A 123 -12.83 1.57 10.07
C GLU A 123 -14.17 1.27 9.43
N LYS A 124 -14.70 2.21 8.65
CA LYS A 124 -16.01 2.04 8.06
C LYS A 124 -16.03 1.91 6.54
N ILE A 125 -14.87 1.68 5.93
CA ILE A 125 -14.82 1.53 4.48
C ILE A 125 -14.59 0.05 4.14
N PRO A 126 -15.62 -0.60 3.58
CA PRO A 126 -15.50 -2.02 3.22
C PRO A 126 -14.42 -2.34 2.19
N LEU A 127 -13.75 -3.47 2.38
CA LEU A 127 -12.75 -3.95 1.44
C LEU A 127 -13.20 -5.33 0.91
N GLY A 128 -12.66 -5.72 -0.24
CA GLY A 128 -13.02 -6.99 -0.86
C GLY A 128 -12.94 -6.86 -2.37
N PHE A 129 -13.32 -7.90 -3.10
CA PHE A 129 -13.26 -7.83 -4.57
C PHE A 129 -14.25 -6.85 -5.18
N ARG A 130 -15.50 -6.86 -4.75
CA ARG A 130 -16.45 -5.91 -5.31
C ARG A 130 -16.09 -4.46 -4.98
N ALA A 131 -15.57 -4.24 -3.77
CA ALA A 131 -15.16 -2.90 -3.35
C ALA A 131 -14.01 -2.44 -4.24
N PHE A 132 -13.08 -3.35 -4.53
CA PHE A 132 -11.93 -3.07 -5.39
C PHE A 132 -12.43 -2.69 -6.78
N ASP A 133 -13.36 -3.49 -7.32
CA ASP A 133 -13.94 -3.26 -8.64
C ASP A 133 -14.55 -1.88 -8.71
N SER A 134 -15.34 -1.57 -7.69
CA SER A 134 -16.01 -0.28 -7.56
C SER A 134 -15.01 0.89 -7.47
N ALA A 135 -13.94 0.70 -6.73
CA ALA A 135 -12.93 1.76 -6.58
C ALA A 135 -12.23 2.04 -7.92
N ILE A 136 -11.93 0.99 -8.68
CA ILE A 136 -11.27 1.16 -9.97
C ILE A 136 -12.19 1.89 -10.94
N THR A 137 -13.46 1.55 -10.91
CA THR A 137 -14.43 2.22 -11.79
C THR A 137 -14.52 3.71 -11.48
N SER A 138 -14.55 4.06 -10.19
CA SER A 138 -14.60 5.46 -9.78
C SER A 138 -13.41 6.25 -10.31
N LEU A 139 -12.22 5.66 -10.24
CA LEU A 139 -11.03 6.34 -10.73
C LEU A 139 -10.97 6.35 -12.26
N PHE A 140 -11.46 5.29 -12.89
CA PHE A 140 -11.47 5.22 -14.35
C PHE A 140 -12.26 6.35 -15.00
N HIS A 141 -13.38 6.74 -14.38
CA HIS A 141 -14.19 7.85 -14.92
C HIS A 141 -13.91 9.13 -14.15
N TYR A 142 -12.98 9.06 -13.21
CA TYR A 142 -12.67 10.15 -12.30
C TYR A 142 -13.93 10.84 -11.79
N ASP A 143 -14.66 10.11 -10.97
CA ASP A 143 -15.85 10.61 -10.30
C ASP A 143 -15.19 11.32 -9.11
N SER A 144 -15.05 12.64 -9.20
CA SER A 144 -14.37 13.40 -8.17
C SER A 144 -14.90 13.25 -6.76
N THR A 145 -16.19 12.99 -6.59
CA THR A 145 -16.75 12.85 -5.26
C THR A 145 -16.52 11.46 -4.64
N ALA A 146 -16.03 10.52 -5.43
CA ALA A 146 -15.78 9.17 -4.93
C ALA A 146 -14.30 8.80 -4.94
N ALA A 147 -13.47 9.64 -5.54
CA ALA A 147 -12.04 9.35 -5.66
C ALA A 147 -11.25 9.12 -4.37
N ALA A 148 -11.49 9.95 -3.36
CA ALA A 148 -10.77 9.80 -2.09
C ALA A 148 -11.06 8.43 -1.48
N GLY A 149 -12.35 8.08 -1.43
CA GLY A 149 -12.74 6.79 -0.91
C GLY A 149 -12.15 5.67 -1.75
N ALA A 150 -12.09 5.87 -3.06
CA ALA A 150 -11.54 4.84 -3.95
C ALA A 150 -10.06 4.64 -3.70
N PHE A 151 -9.36 5.73 -3.41
CA PHE A 151 -7.94 5.60 -3.11
C PHE A 151 -7.75 4.84 -1.80
N LEU A 152 -8.61 5.11 -0.81
CA LEU A 152 -8.49 4.41 0.48
C LEU A 152 -8.61 2.90 0.28
N VAL A 153 -9.51 2.50 -0.60
CA VAL A 153 -9.69 1.07 -0.89
C VAL A 153 -8.46 0.51 -1.62
N ILE A 154 -8.05 1.16 -2.71
CA ILE A 154 -6.93 0.64 -3.49
C ILE A 154 -5.60 0.57 -2.76
N ILE A 155 -5.27 1.61 -1.98
CA ILE A 155 -4.02 1.62 -1.24
C ILE A 155 -3.93 0.44 -0.26
N GLN A 156 -5.02 0.17 0.46
CA GLN A 156 -5.03 -0.93 1.41
C GLN A 156 -5.02 -2.29 0.69
N THR A 157 -5.65 -2.35 -0.47
CA THR A 157 -5.72 -3.59 -1.23
C THR A 157 -4.41 -3.95 -1.95
N THR A 158 -3.58 -2.95 -2.22
CA THR A 158 -2.34 -3.21 -2.92
C THR A 158 -1.12 -2.97 -2.05
N ALA A 159 -0.85 -1.70 -1.76
CA ALA A 159 0.30 -1.32 -0.96
C ALA A 159 0.34 -1.95 0.44
N GLU A 160 -0.75 -1.85 1.19
CA GLU A 160 -0.72 -2.42 2.55
C GLU A 160 -0.65 -3.96 2.54
N ALA A 161 -1.32 -4.59 1.58
CA ALA A 161 -1.28 -6.06 1.49
C ALA A 161 0.14 -6.51 1.12
N SER A 162 0.86 -5.69 0.34
CA SER A 162 2.22 -6.08 -0.03
C SER A 162 3.14 -5.97 1.18
N ARG A 163 2.81 -5.07 2.10
CA ARG A 163 3.63 -4.88 3.31
C ARG A 163 3.38 -5.92 4.40
N PHE A 164 2.16 -6.45 4.48
CA PHE A 164 1.80 -7.40 5.53
C PHE A 164 0.99 -8.60 5.04
N LYS A 165 1.46 -9.80 5.37
CA LYS A 165 0.77 -11.03 4.99
C LYS A 165 -0.64 -11.03 5.58
N TYR A 166 -0.76 -10.53 6.81
CA TYR A 166 -2.05 -10.50 7.47
C TYR A 166 -3.07 -9.66 6.68
N ILE A 167 -2.63 -8.54 6.13
CA ILE A 167 -3.54 -7.70 5.33
C ILE A 167 -3.87 -8.37 4.00
N GLU A 168 -2.89 -9.02 3.39
CA GLU A 168 -3.13 -9.78 2.16
C GLU A 168 -4.25 -10.78 2.49
N GLY A 169 -4.14 -11.39 3.68
CA GLY A 169 -5.11 -12.37 4.15
C GLY A 169 -6.49 -11.78 4.35
N GLN A 170 -6.54 -10.52 4.80
CA GLN A 170 -7.80 -9.82 5.02
C GLN A 170 -8.55 -9.65 3.70
N ILE A 171 -7.83 -9.33 2.64
CA ILE A 171 -8.49 -9.16 1.33
C ILE A 171 -9.03 -10.50 0.82
N ILE A 172 -8.24 -11.55 0.97
CA ILE A 172 -8.65 -12.89 0.55
C ILE A 172 -9.93 -13.31 1.26
N LYS A 173 -10.03 -13.04 2.57
CA LYS A 173 -11.23 -13.39 3.33
C LYS A 173 -12.42 -12.57 2.83
N ARG A 174 -12.16 -11.42 2.22
CA ARG A 174 -13.22 -10.56 1.72
C ARG A 174 -13.53 -10.73 0.23
N ILE A 175 -12.96 -11.75 -0.40
CA ILE A 175 -13.27 -12.00 -1.81
C ILE A 175 -14.76 -12.29 -2.00
N PRO A 176 -15.33 -13.22 -1.21
CA PRO A 176 -16.75 -13.50 -1.43
C PRO A 176 -17.75 -12.44 -0.97
N LYS A 177 -17.32 -11.57 -0.05
CA LYS A 177 -18.21 -10.54 0.45
C LYS A 177 -17.40 -9.39 1.08
N ASN A 178 -17.73 -8.16 0.72
CA ASN A 178 -17.00 -7.02 1.28
C ASN A 178 -17.25 -6.91 2.77
N GLU A 179 -16.24 -6.47 3.50
CA GLU A 179 -16.39 -6.24 4.92
C GLU A 179 -15.32 -5.26 5.35
N VAL A 180 -15.62 -4.46 6.36
CA VAL A 180 -14.64 -3.51 6.86
C VAL A 180 -13.44 -4.30 7.39
N PRO A 181 -12.24 -3.70 7.32
CA PRO A 181 -11.07 -4.41 7.82
C PRO A 181 -11.11 -4.54 9.34
N SER A 182 -10.30 -5.45 9.90
CA SER A 182 -10.29 -5.61 11.35
C SER A 182 -9.42 -4.53 11.96
N PRO A 183 -9.63 -4.26 13.26
CA PRO A 183 -8.82 -3.25 13.96
C PRO A 183 -7.35 -3.63 13.89
N ALA A 184 -7.07 -4.93 13.90
CA ALA A 184 -5.69 -5.40 13.85
C ALA A 184 -5.01 -4.98 12.55
N ALA A 185 -5.73 -5.05 11.44
CA ALA A 185 -5.18 -4.68 10.14
C ALA A 185 -4.79 -3.19 10.13
N LEU A 186 -5.69 -2.35 10.60
CA LEU A 186 -5.46 -0.90 10.64
C LEU A 186 -4.32 -0.56 11.59
N SER A 187 -4.18 -1.34 12.65
CA SER A 187 -3.10 -1.12 13.61
C SER A 187 -1.74 -1.38 12.93
N LEU A 188 -1.65 -2.43 12.11
CA LEU A 188 -0.40 -2.73 11.41
C LEU A 188 -0.11 -1.61 10.41
N GLU A 189 -1.13 -1.15 9.69
CA GLU A 189 -0.91 -0.06 8.74
C GLU A 189 -0.25 1.15 9.44
N ASN A 190 -0.81 1.54 10.57
CA ASN A 190 -0.32 2.69 11.31
C ASN A 190 1.09 2.52 11.89
N GLU A 191 1.47 1.29 12.22
CA GLU A 191 2.78 1.04 12.80
C GLU A 191 3.86 0.49 11.86
N TRP A 192 3.61 0.50 10.56
CA TRP A 192 4.59 -0.02 9.61
C TRP A 192 5.96 0.65 9.71
N SER A 193 5.99 1.98 9.79
CA SER A 193 7.29 2.64 9.86
C SER A 193 7.95 2.38 11.21
N ALA A 194 7.17 2.33 12.28
CA ALA A 194 7.74 2.08 13.60
C ALA A 194 8.33 0.66 13.64
N LEU A 195 7.59 -0.31 13.12
CA LEU A 195 8.05 -1.70 13.10
C LEU A 195 9.30 -1.83 12.24
N SER A 196 9.30 -1.16 11.10
CA SER A 196 10.45 -1.21 10.19
C SER A 196 11.68 -0.68 10.90
N LYS A 197 11.50 0.44 11.59
CA LYS A 197 12.61 1.06 12.30
C LYS A 197 13.16 0.17 13.43
N GLN A 198 12.27 -0.42 14.22
CA GLN A 198 12.73 -1.24 15.33
C GLN A 198 13.42 -2.53 14.88
N ILE A 199 12.96 -3.11 13.78
CA ILE A 199 13.59 -4.31 13.30
C ILE A 199 15.03 -4.01 12.88
N GLN A 200 15.25 -2.84 12.30
CA GLN A 200 16.61 -2.49 11.89
C GLN A 200 17.47 -2.17 13.10
N LEU A 201 16.93 -1.48 14.08
CA LEU A 201 17.67 -1.15 15.29
C LEU A 201 18.01 -2.43 16.06
N ALA A 202 17.08 -3.38 16.07
CA ALA A 202 17.27 -4.62 16.78
C ALA A 202 18.53 -5.35 16.35
N GLN A 203 19.00 -5.06 15.13
CA GLN A 203 20.19 -5.72 14.62
C GLN A 203 21.45 -5.53 15.45
N THR A 204 21.57 -4.38 16.11
CA THR A 204 22.73 -4.12 16.96
C THR A 204 22.29 -4.08 18.41
N ASN A 205 21.21 -4.77 18.74
CA ASN A 205 20.69 -4.81 20.09
C ASN A 205 20.29 -6.24 20.45
N ASN A 206 20.97 -7.19 19.84
CA ASN A 206 20.75 -8.61 20.10
C ASN A 206 19.30 -9.07 19.86
N GLY A 207 18.67 -8.54 18.81
CA GLY A 207 17.32 -8.94 18.47
C GLY A 207 16.20 -8.24 19.20
N ALA A 208 16.53 -7.48 20.26
CA ALA A 208 15.51 -6.78 21.04
C ALA A 208 15.25 -5.37 20.52
N PHE A 209 13.99 -4.96 20.52
CA PHE A 209 13.61 -3.63 20.05
C PHE A 209 14.05 -2.58 21.06
N ARG A 210 14.49 -1.43 20.58
CA ARG A 210 14.89 -0.38 21.49
C ARG A 210 13.63 0.11 22.18
N THR A 211 12.53 0.23 21.41
CA THR A 211 11.26 0.69 21.94
C THR A 211 10.18 -0.28 21.45
N PRO A 212 9.38 -0.85 22.35
CA PRO A 212 8.34 -1.78 21.90
C PRO A 212 7.31 -1.10 21.00
N VAL A 213 6.78 -1.87 20.07
CA VAL A 213 5.76 -1.36 19.16
C VAL A 213 4.44 -1.92 19.67
N VAL A 214 3.44 -1.06 19.78
CA VAL A 214 2.16 -1.48 20.28
C VAL A 214 1.11 -1.54 19.19
N ILE A 215 0.44 -2.67 19.09
CA ILE A 215 -0.61 -2.86 18.12
C ILE A 215 -1.77 -3.49 18.86
N ILE A 216 -2.87 -3.73 18.16
CA ILE A 216 -3.98 -4.41 18.78
C ILE A 216 -4.16 -5.68 17.98
N ASP A 217 -4.53 -6.76 18.64
CA ASP A 217 -4.67 -8.04 17.97
C ASP A 217 -6.07 -8.31 17.43
N ASN A 218 -6.22 -9.49 16.85
CA ASN A 218 -7.47 -9.95 16.27
C ASN A 218 -8.59 -10.04 17.31
N LYS A 219 -8.21 -10.06 18.59
CA LYS A 219 -9.21 -10.13 19.65
C LYS A 219 -9.51 -8.75 20.20
N GLY A 220 -8.86 -7.72 19.66
CA GLY A 220 -9.09 -6.37 20.10
C GLY A 220 -8.28 -5.97 21.32
N GLN A 221 -7.25 -6.76 21.64
CA GLN A 221 -6.42 -6.48 22.80
C GLN A 221 -5.09 -5.85 22.45
N ARG A 222 -4.62 -5.00 23.35
CA ARG A 222 -3.36 -4.29 23.20
C ARG A 222 -2.25 -5.32 23.35
N VAL A 223 -1.33 -5.35 22.40
CA VAL A 223 -0.20 -6.28 22.42
C VAL A 223 1.10 -5.56 22.07
N GLU A 224 2.17 -5.94 22.75
CA GLU A 224 3.48 -5.34 22.53
C GLU A 224 4.43 -6.25 21.78
N ILE A 225 5.07 -5.70 20.77
CA ILE A 225 6.05 -6.43 19.99
C ILE A 225 7.37 -5.85 20.48
N LYS A 226 8.27 -6.69 20.99
CA LYS A 226 9.51 -6.14 21.49
C LYS A 226 10.76 -6.79 21.00
N ASP A 227 10.62 -7.77 20.11
CA ASP A 227 11.79 -8.46 19.60
C ASP A 227 11.54 -9.09 18.22
N VAL A 228 12.61 -9.44 17.52
CA VAL A 228 12.49 -10.00 16.20
C VAL A 228 11.98 -11.45 16.16
N ASN A 229 11.80 -12.07 17.32
CA ASN A 229 11.30 -13.44 17.37
C ASN A 229 9.77 -13.48 17.38
N SER A 230 9.15 -12.30 17.41
CA SER A 230 7.69 -12.21 17.41
C SER A 230 7.12 -12.72 16.10
N LYS A 231 5.90 -13.25 16.15
CA LYS A 231 5.25 -13.78 14.96
C LYS A 231 5.00 -12.68 13.93
N VAL A 232 4.86 -11.44 14.40
CA VAL A 232 4.64 -10.31 13.50
C VAL A 232 5.86 -10.10 12.59
N VAL A 233 7.05 -10.41 13.11
CA VAL A 233 8.28 -10.24 12.36
C VAL A 233 8.65 -11.46 11.53
N THR A 234 8.48 -12.66 12.08
CA THR A 234 8.84 -13.86 11.31
C THR A 234 7.79 -14.26 10.27
N ASN A 235 6.53 -13.96 10.53
CA ASN A 235 5.48 -14.39 9.62
C ASN A 235 4.36 -13.38 9.37
N ASN A 236 4.73 -12.16 8.99
CA ASN A 236 3.73 -11.15 8.72
C ASN A 236 4.29 -10.01 7.90
N ILE A 237 5.15 -9.17 8.48
CA ILE A 237 5.69 -8.03 7.72
C ILE A 237 6.57 -8.55 6.57
N LYS A 238 6.38 -7.98 5.37
CA LYS A 238 7.12 -8.45 4.20
C LYS A 238 8.05 -7.45 3.54
N LEU A 239 7.98 -6.19 3.97
CA LEU A 239 8.83 -5.13 3.41
C LEU A 239 9.18 -4.14 4.53
N LEU A 240 10.42 -3.66 4.53
CA LEU A 240 10.82 -2.71 5.55
C LEU A 240 11.14 -1.33 4.97
N LEU A 241 10.55 -0.31 5.58
CA LEU A 241 10.82 1.08 5.20
C LEU A 241 12.24 1.32 5.68
N ASN A 242 13.10 1.85 4.81
CA ASN A 242 14.48 2.08 5.22
C ASN A 242 14.54 3.11 6.34
N LYS A 243 15.36 2.85 7.35
CA LYS A 243 15.47 3.77 8.48
C LYS A 243 15.83 5.20 8.11
N GLN A 244 16.52 5.39 6.99
CA GLN A 244 16.88 6.76 6.57
C GLN A 244 15.64 7.56 6.18
N ASN A 245 14.53 6.86 5.90
CA ASN A 245 13.29 7.52 5.51
C ASN A 245 12.27 7.55 6.65
N ILE A 246 12.74 7.23 7.85
CA ILE A 246 11.88 7.24 9.03
C ILE A 246 12.23 8.47 9.89
N ALA A 247 13.20 8.33 10.79
CA ALA A 247 13.59 9.46 11.65
C ALA A 247 15.11 9.62 11.74
#